data_1T4V
#
_entry.id   1T4V
#
_cell.length_a   70.970
_cell.length_b   71.750
_cell.length_c   72.820
_cell.angle_alpha   90.00
_cell.angle_beta   100.52
_cell.angle_gamma   90.00
#
_symmetry.space_group_name_H-M   'C 1 2 1'
#
loop_
_entity.id
_entity.type
_entity.pdbx_description
1 polymer Prothrombin
2 polymer Prothrombin
3 polymer 'Hirudin IIIA'
4 non-polymer N-ALLYL-5-AMIDINOAMINOOXY-PROPYLOXY-3-CHLORO-N-CYCLOPENTYLBENZAMIDE
5 water water
#
loop_
_entity_poly.entity_id
_entity_poly.type
_entity_poly.pdbx_seq_one_letter_code
_entity_poly.pdbx_strand_id
1 'polypeptide(L)' ADCGLRPLFEKKSLEDKTERELLESY L
2 'polypeptide(L)'
;IVEGSDAEIGMSPWQVMLFRKSPQELLCGASLISDRWVLTAAHCLLYPPWDKNFTENDLLVRIGKHSRTRYERNIEKISM
LEKIYIHPRYNWRENLDRDIALMKLKKPVAFSDYIHPVCLPDRETAASLLQAGYKGRVTGWGNLKETWTANVGKGQPSVL
QVVNLPIVERPVCKDSTRIRITDNMFCAGYKPDEGKRGDACEGDSGGPFVMKSPFNNRWYQMGIVSWGEGCDRDGKYGFY
THVFRLKKWIQKVIDQFGE
;
H
3 'polypeptide(L)' DFEEIPEE(TYS)LQ I
#
loop_
_chem_comp.id
_chem_comp.type
_chem_comp.name
_chem_comp.formula
14A non-polymer N-ALLYL-5-AMIDINOAMINOOXY-PROPYLOXY-3-CHLORO-N-CYCLOPENTYLBENZAMIDE 'C19 H27 Cl N4 O3'
#
# COMPACT_ATOMS: atom_id res chain seq x y z
N ALA A 1 3.75 18.04 4.65
CA ALA A 1 2.96 19.32 4.80
C ALA A 1 2.19 19.67 3.54
N ASP A 2 2.62 19.12 2.42
CA ASP A 2 1.73 19.07 1.28
C ASP A 2 1.15 17.66 1.05
N CYS A 3 1.32 16.80 2.04
CA CYS A 3 0.94 15.41 1.91
C CYS A 3 -0.52 15.25 1.56
N GLY A 4 -0.82 14.25 0.74
CA GLY A 4 -2.19 13.85 0.58
C GLY A 4 -2.98 14.69 -0.36
N LEU A 5 -2.33 15.71 -0.97
CA LEU A 5 -2.99 16.51 -2.02
C LEU A 5 -2.36 16.27 -3.39
N ARG A 6 -3.17 15.67 -4.27
CA ARG A 6 -2.72 15.20 -5.58
C ARG A 6 -2.65 16.34 -6.60
N PRO A 7 -1.47 16.54 -7.21
CA PRO A 7 -1.32 17.58 -8.23
C PRO A 7 -2.42 17.58 -9.28
N LEU A 8 -2.84 16.40 -9.73
CA LEU A 8 -3.74 16.37 -10.87
C LEU A 8 -5.20 16.32 -10.46
N PHE A 9 -5.48 16.36 -9.15
CA PHE A 9 -6.87 16.33 -8.72
C PHE A 9 -7.17 17.41 -7.69
N GLU A 10 -6.82 17.18 -6.43
CA GLU A 10 -7.17 18.12 -5.36
C GLU A 10 -6.66 19.54 -5.65
N LYS A 11 -5.41 19.63 -6.10
CA LYS A 11 -4.79 20.90 -6.43
C LYS A 11 -5.45 21.63 -7.60
N LYS A 12 -6.23 20.93 -8.40
CA LYS A 12 -6.91 21.51 -9.54
C LYS A 12 -8.39 21.56 -9.28
N SER A 13 -8.77 21.09 -8.10
CA SER A 13 -10.17 20.92 -7.77
C SER A 13 -10.90 19.97 -8.75
N LEU A 14 -10.19 18.92 -9.18
CA LEU A 14 -10.82 17.85 -9.95
C LEU A 14 -10.95 16.58 -9.11
N GLU A 15 -12.02 15.83 -9.32
CA GLU A 15 -12.33 14.65 -8.53
C GLU A 15 -11.96 13.46 -9.40
N ASP A 16 -11.43 12.40 -8.80
CA ASP A 16 -11.30 11.17 -9.56
C ASP A 16 -12.61 10.42 -9.63
N LYS A 17 -12.62 9.33 -10.40
CA LYS A 17 -13.87 8.75 -10.87
C LYS A 17 -14.65 8.02 -9.79
N THR A 18 -14.00 7.64 -8.70
CA THR A 18 -14.72 6.89 -7.67
C THR A 18 -14.63 7.46 -6.27
N GLU A 19 -13.95 8.59 -6.07
CA GLU A 19 -13.75 9.04 -4.70
C GLU A 19 -15.05 9.45 -4.00
N ARG A 20 -16.09 9.70 -4.77
CA ARG A 20 -17.38 10.02 -4.21
C ARG A 20 -17.97 8.86 -3.39
N GLU A 21 -17.73 7.63 -3.84
CA GLU A 21 -18.11 6.42 -3.10
C GLU A 21 -17.47 6.39 -1.72
N LEU A 22 -16.19 6.74 -1.64
CA LEU A 22 -15.49 6.90 -0.38
C LEU A 22 -16.20 7.93 0.51
N LEU A 23 -16.40 9.13 -0.02
CA LEU A 23 -16.97 10.21 0.75
C LEU A 23 -18.42 9.97 1.14
N GLU A 24 -19.14 9.25 0.29
CA GLU A 24 -20.53 8.97 0.59
C GLU A 24 -20.68 7.97 1.71
N SER A 25 -19.65 7.15 1.92
CA SER A 25 -19.72 6.13 2.95
C SER A 25 -19.42 6.70 4.35
N TYR A 26 -18.84 7.89 4.41
CA TYR A 26 -18.47 8.50 5.68
C TYR A 26 -19.67 9.22 6.30
N ILE B 1 -4.89 -7.04 -7.48
CA ILE B 1 -6.20 -6.52 -7.04
C ILE B 1 -7.22 -7.31 -7.85
N VAL B 2 -8.30 -7.71 -7.20
CA VAL B 2 -9.31 -8.56 -7.80
C VAL B 2 -10.59 -7.78 -7.80
N GLU B 3 -11.22 -7.71 -8.97
CA GLU B 3 -12.48 -6.99 -9.16
C GLU B 3 -12.33 -5.48 -9.02
N GLY B 4 -11.12 -5.00 -9.31
CA GLY B 4 -10.86 -3.57 -9.34
C GLY B 4 -10.96 -2.97 -10.73
N SER B 5 -10.44 -1.76 -10.89
CA SER B 5 -10.44 -1.08 -12.17
C SER B 5 -9.07 -0.48 -12.39
N ASP B 6 -8.83 -0.03 -13.62
CA ASP B 6 -7.59 0.66 -13.97
C ASP B 6 -7.59 1.98 -13.24
N ALA B 7 -6.44 2.33 -12.65
CA ALA B 7 -6.28 3.61 -11.99
C ALA B 7 -6.29 4.71 -13.05
N GLU B 8 -6.81 5.88 -12.70
CA GLU B 8 -6.50 7.08 -13.49
C GLU B 8 -5.04 7.51 -13.34
N ILE B 9 -4.53 8.23 -14.33
CA ILE B 9 -3.17 8.77 -14.23
C ILE B 9 -3.15 9.76 -13.06
N GLY B 10 -2.09 9.70 -12.27
CA GLY B 10 -1.97 10.62 -11.16
C GLY B 10 -2.89 10.30 -9.97
N MET B 11 -3.68 9.24 -10.05
CA MET B 11 -4.64 8.86 -9.02
C MET B 11 -4.04 8.54 -7.66
N SER B 12 -2.91 7.83 -7.66
CA SER B 12 -2.23 7.45 -6.44
C SER B 12 -0.77 7.79 -6.55
N PRO B 13 -0.44 9.05 -6.37
CA PRO B 13 0.94 9.42 -6.66
C PRO B 13 1.94 8.98 -5.59
N TRP B 14 1.42 8.39 -4.52
CA TRP B 14 2.26 7.86 -3.45
C TRP B 14 2.57 6.37 -3.66
N GLN B 15 1.90 5.75 -4.63
CA GLN B 15 2.13 4.33 -4.87
C GLN B 15 3.53 4.06 -5.37
N VAL B 16 4.23 3.17 -4.70
CA VAL B 16 5.59 2.77 -5.04
C VAL B 16 5.65 1.28 -5.43
N MET B 17 6.53 0.94 -6.37
CA MET B 17 6.75 -0.46 -6.76
C MET B 17 8.06 -0.96 -6.22
N LEU B 18 7.98 -2.04 -5.45
CA LEU B 18 9.17 -2.75 -4.97
C LEU B 18 9.60 -3.73 -6.07
N PHE B 19 10.83 -3.58 -6.53
CA PHE B 19 11.27 -4.23 -7.75
C PHE B 19 12.58 -4.97 -7.53
N ARG B 20 12.56 -6.25 -7.89
CA ARG B 20 13.73 -7.09 -7.78
C ARG B 20 14.68 -6.83 -8.95
N LYS B 21 15.94 -6.58 -8.62
CA LYS B 21 16.98 -6.38 -9.62
C LYS B 21 17.11 -7.60 -10.53
N SER B 22 17.26 -8.79 -9.94
CA SER B 22 17.49 -10.01 -10.72
C SER B 22 17.06 -11.26 -9.96
N PRO B 23 16.10 -12.03 -10.52
CA PRO B 23 15.39 -11.70 -11.75
C PRO B 23 14.54 -10.46 -11.56
N GLN B 24 14.51 -9.61 -12.58
CA GLN B 24 13.82 -8.33 -12.49
C GLN B 24 12.37 -8.66 -12.28
N GLU B 25 11.86 -8.53 -11.06
CA GLU B 25 10.43 -8.80 -10.85
C GLU B 25 9.74 -7.87 -9.84
N LEU B 26 8.43 -7.71 -10.00
CA LEU B 26 7.62 -7.02 -8.99
C LEU B 26 7.61 -7.85 -7.71
N LEU B 27 8.20 -7.31 -6.65
CA LEU B 27 8.11 -7.88 -5.31
C LEU B 27 6.78 -7.53 -4.60
N CYS B 28 6.45 -6.24 -4.56
CA CYS B 28 5.43 -5.76 -3.63
C CYS B 28 5.03 -4.33 -3.99
N GLY B 29 3.96 -3.85 -3.36
CA GLY B 29 3.67 -2.44 -3.34
C GLY B 29 4.35 -1.76 -2.15
N ALA B 30 4.21 -0.45 -2.08
CA ALA B 30 4.83 0.34 -1.03
C ALA B 30 4.29 1.75 -1.23
N SER B 31 4.59 2.66 -0.31
CA SER B 31 4.03 4.00 -0.40
C SER B 31 5.04 5.05 0.02
N LEU B 32 4.94 6.22 -0.62
CA LEU B 32 5.88 7.31 -0.40
C LEU B 32 5.26 8.24 0.65
N ILE B 33 5.93 8.35 1.79
CA ILE B 33 5.44 9.15 2.90
C ILE B 33 6.29 10.43 3.10
N SER B 34 7.48 10.48 2.53
CA SER B 34 8.19 11.74 2.38
C SER B 34 9.16 11.58 1.22
N ASP B 35 10.01 12.56 0.94
CA ASP B 35 10.86 12.47 -0.24
C ASP B 35 11.98 11.47 -0.06
N ARG B 36 12.12 10.95 1.15
CA ARG B 36 13.17 9.99 1.40
C ARG B 36 12.75 8.65 2.03
N TRP B 37 11.47 8.52 2.38
CA TRP B 37 10.99 7.40 3.20
C TRP B 37 9.85 6.66 2.52
N VAL B 38 10.00 5.35 2.41
CA VAL B 38 8.98 4.50 1.80
C VAL B 38 8.46 3.55 2.89
N LEU B 39 7.18 3.28 2.90
CA LEU B 39 6.57 2.39 3.89
C LEU B 39 6.06 1.15 3.16
N THR B 40 6.36 -0.02 3.72
CA THR B 40 5.91 -1.28 3.12
C THR B 40 5.61 -2.34 4.19
N ALA B 41 5.18 -3.53 3.76
CA ALA B 41 4.91 -4.64 4.69
C ALA B 41 6.22 -5.36 4.93
N ALA B 42 6.50 -5.67 6.19
CA ALA B 42 7.72 -6.38 6.58
C ALA B 42 7.87 -7.72 5.84
N HIS B 43 6.75 -8.37 5.55
CA HIS B 43 6.80 -9.68 4.95
C HIS B 43 7.25 -9.65 3.47
N CYS B 44 7.30 -8.46 2.87
CA CYS B 44 7.85 -8.29 1.52
C CYS B 44 9.33 -8.50 1.49
N LEU B 45 9.98 -8.18 2.60
CA LEU B 45 11.42 -8.25 2.72
C LEU B 45 11.90 -9.48 3.47
N LEU B 46 11.13 -9.87 4.49
CA LEU B 46 11.57 -10.88 5.43
C LEU B 46 10.45 -11.85 5.72
N TYR B 47 10.56 -13.04 5.14
CA TYR B 47 9.60 -14.09 5.40
C TYR B 47 10.24 -15.47 5.29
N PRO B 48 10.83 -15.93 6.40
CA PRO B 48 11.63 -17.16 6.46
C PRO B 48 10.91 -18.45 6.05
N PRO B 49 9.60 -18.59 6.35
CA PRO B 49 8.91 -19.77 5.84
C PRO B 49 9.07 -19.95 4.33
N TRP B 50 9.30 -18.85 3.62
CA TRP B 50 9.43 -18.87 2.17
C TRP B 50 10.85 -18.53 1.75
N ASP B 51 11.79 -18.65 2.69
CA ASP B 51 13.19 -18.31 2.44
C ASP B 51 13.37 -16.95 1.76
N LYS B 52 12.47 -16.03 2.08
CA LYS B 52 12.56 -14.67 1.59
C LYS B 52 13.27 -13.79 2.63
N ASN B 53 14.44 -13.27 2.26
CA ASN B 53 15.18 -12.33 3.11
C ASN B 53 16.02 -11.38 2.26
N PHE B 54 15.40 -10.32 1.75
CA PHE B 54 16.06 -9.35 0.88
C PHE B 54 16.80 -8.31 1.66
N THR B 55 17.89 -7.83 1.09
CA THR B 55 18.60 -6.69 1.64
C THR B 55 18.53 -5.49 0.69
N GLU B 56 19.17 -4.40 1.12
CA GLU B 56 19.11 -3.12 0.46
C GLU B 56 19.50 -3.24 -1.01
N ASN B 57 20.61 -3.93 -1.25
CA ASN B 57 21.12 -4.01 -2.61
C ASN B 57 20.37 -4.99 -3.47
N ASP B 58 19.44 -5.73 -2.87
CA ASP B 58 18.64 -6.70 -3.61
C ASP B 58 17.58 -5.98 -4.42
N LEU B 59 17.44 -4.69 -4.15
CA LEU B 59 16.17 -4.03 -4.31
C LEU B 59 16.25 -2.69 -5.01
N LEU B 60 15.19 -2.38 -5.77
CA LEU B 60 14.99 -1.07 -6.37
C LEU B 60 13.54 -0.64 -6.09
N VAL B 61 13.34 0.61 -5.68
CA VAL B 61 11.98 1.17 -5.66
C VAL B 61 11.69 2.05 -6.89
N ARG B 62 10.57 1.81 -7.54
CA ARG B 62 10.21 2.58 -8.68
C ARG B 62 8.94 3.39 -8.38
N ILE B 63 9.08 4.72 -8.44
CA ILE B 63 8.04 5.67 -8.05
C ILE B 63 7.50 6.42 -9.27
N GLY B 64 6.18 6.62 -9.32
CA GLY B 64 5.61 7.45 -10.36
C GLY B 64 5.03 6.61 -11.49
N LYS B 65 4.93 5.31 -11.26
CA LYS B 65 4.54 4.37 -12.32
C LYS B 65 3.05 4.25 -12.51
N HIS B 66 2.67 3.74 -13.67
CA HIS B 66 1.29 3.46 -13.98
C HIS B 66 1.26 2.10 -14.67
N SER B 67 2.18 1.93 -15.63
CA SER B 67 2.36 0.68 -16.35
C SER B 67 3.10 -0.27 -15.43
N ARG B 68 2.65 -1.50 -15.38
CA ARG B 68 3.35 -2.52 -14.62
C ARG B 68 4.73 -2.79 -15.18
N THR B 69 4.82 -3.09 -16.46
CA THR B 69 6.06 -3.64 -17.02
C THR B 69 6.97 -2.65 -17.77
N ARG B 70 6.38 -1.61 -18.36
CA ARG B 70 7.18 -0.61 -19.07
C ARG B 70 8.18 0.11 -18.20
N TYR B 71 9.30 0.53 -18.76
CA TYR B 71 10.12 1.54 -18.12
C TYR B 71 9.57 2.87 -18.60
N GLU B 72 8.98 3.65 -17.69
CA GLU B 72 8.20 4.81 -18.10
C GLU B 72 9.08 6.04 -18.14
N ARG B 73 9.75 6.22 -19.28
CA ARG B 73 10.77 7.25 -19.50
C ARG B 73 10.22 8.65 -19.31
N ASN B 74 10.94 9.43 -18.51
CA ASN B 74 10.59 10.81 -18.20
C ASN B 74 9.45 10.94 -17.17
N ILE B 75 8.84 9.81 -16.78
CA ILE B 75 7.76 9.80 -15.78
C ILE B 75 8.17 9.14 -14.44
N GLU B 76 8.67 7.91 -14.48
CA GLU B 76 9.04 7.24 -13.25
C GLU B 76 10.45 7.56 -12.76
N LYS B 77 10.63 7.52 -11.44
CA LYS B 77 11.96 7.55 -10.83
C LYS B 77 12.26 6.19 -10.21
N ILE B 78 13.53 5.80 -10.27
CA ILE B 78 13.98 4.52 -9.76
C ILE B 78 15.05 4.85 -8.75
N SER B 79 14.84 4.44 -7.49
CA SER B 79 15.82 4.73 -6.44
C SER B 79 16.37 3.50 -5.74
N MET B 80 17.59 3.63 -5.23
CA MET B 80 18.28 2.58 -4.50
C MET B 80 18.03 2.84 -3.04
N LEU B 81 18.06 1.77 -2.25
CA LEU B 81 17.78 1.85 -0.83
C LEU B 81 19.06 2.07 -0.10
N GLU B 82 18.98 2.88 0.95
CA GLU B 82 20.09 3.05 1.86
C GLU B 82 19.95 2.14 3.10
N LYS B 83 18.72 1.92 3.54
CA LYS B 83 18.51 1.19 4.78
C LYS B 83 17.07 0.75 4.96
N ILE B 84 16.91 -0.54 5.23
CA ILE B 84 15.62 -1.15 5.56
C ILE B 84 15.51 -1.32 7.07
N TYR B 85 14.35 -0.99 7.64
CA TYR B 85 14.09 -1.14 9.06
C TYR B 85 12.80 -1.92 9.22
N ILE B 86 12.91 -3.13 9.78
CA ILE B 86 11.76 -3.99 10.11
C ILE B 86 11.37 -3.75 11.55
N HIS B 87 10.08 -3.72 11.86
CA HIS B 87 9.64 -3.64 13.26
C HIS B 87 10.32 -4.75 14.05
N PRO B 88 10.86 -4.42 15.25
CA PRO B 88 11.57 -5.42 16.04
C PRO B 88 10.68 -6.57 16.51
N ARG B 89 9.38 -6.36 16.60
CA ARG B 89 8.49 -7.40 17.06
C ARG B 89 7.50 -7.82 15.98
N TYR B 90 7.89 -7.63 14.72
CA TYR B 90 7.19 -8.22 13.58
C TYR B 90 7.11 -9.76 13.77
N ASN B 91 5.91 -10.32 13.68
CA ASN B 91 5.68 -11.73 14.04
C ASN B 91 5.45 -12.64 12.83
N TRP B 92 6.54 -13.07 12.19
CA TRP B 92 6.40 -13.85 10.99
C TRP B 92 6.09 -15.30 11.33
N ARG B 93 6.45 -15.71 12.54
CA ARG B 93 6.23 -17.10 12.98
C ARG B 93 4.77 -17.48 13.12
N GLU B 94 3.91 -16.55 13.53
CA GLU B 94 2.52 -16.90 13.77
C GLU B 94 1.44 -16.20 12.91
N ASN B 95 1.30 -14.88 13.07
CA ASN B 95 0.17 -14.20 12.46
C ASN B 95 0.49 -12.93 11.68
N LEU B 96 1.76 -12.65 11.39
CA LEU B 96 2.16 -11.43 10.66
C LEU B 96 1.78 -10.18 11.43
N ASP B 97 1.91 -10.25 12.75
CA ASP B 97 1.58 -9.12 13.61
C ASP B 97 2.71 -8.10 13.45
N ARG B 98 2.33 -6.83 13.39
CA ARG B 98 3.28 -5.74 13.12
C ARG B 98 4.02 -5.92 11.78
N ASP B 99 3.24 -6.17 10.74
CA ASP B 99 3.74 -6.36 9.40
C ASP B 99 4.01 -4.97 8.77
N ILE B 100 5.20 -4.42 9.04
CA ILE B 100 5.51 -3.05 8.66
C ILE B 100 7.02 -2.90 8.60
N ALA B 101 7.51 -2.14 7.60
CA ALA B 101 8.95 -1.84 7.51
C ALA B 101 9.07 -0.46 6.89
N LEU B 102 10.16 0.24 7.22
CA LEU B 102 10.51 1.50 6.58
C LEU B 102 11.75 1.31 5.74
N MET B 103 11.78 1.95 4.58
CA MET B 103 12.98 1.94 3.74
C MET B 103 13.43 3.38 3.50
N LYS B 104 14.67 3.70 3.87
CA LYS B 104 15.27 4.99 3.56
C LYS B 104 15.93 5.01 2.18
N LEU B 105 15.51 5.93 1.30
CA LEU B 105 16.08 6.04 -0.04
C LEU B 105 17.46 6.67 0.06
N LYS B 106 18.33 6.25 -0.84
CA LYS B 106 19.70 6.73 -0.83
C LYS B 106 19.77 8.22 -1.09
N LYS B 107 18.92 8.73 -1.98
CA LYS B 107 18.80 10.17 -2.18
C LYS B 107 17.33 10.51 -2.30
N PRO B 108 16.96 11.77 -1.99
CA PRO B 108 15.54 12.13 -1.99
C PRO B 108 14.96 12.14 -3.39
N VAL B 109 13.67 11.90 -3.50
CA VAL B 109 13.01 11.94 -4.79
C VAL B 109 12.40 13.33 -4.93
N ALA B 110 12.36 13.84 -6.15
CA ALA B 110 11.67 15.09 -6.41
C ALA B 110 10.24 14.78 -6.79
N PHE B 111 9.34 15.62 -6.31
CA PHE B 111 7.93 15.45 -6.55
C PHE B 111 7.56 16.02 -7.91
N SER B 112 6.42 15.60 -8.42
CA SER B 112 6.00 15.92 -9.77
C SER B 112 4.51 15.68 -9.78
N ASP B 113 3.87 15.76 -10.94
CA ASP B 113 2.45 15.44 -11.02
C ASP B 113 2.12 13.98 -10.65
N TYR B 114 3.12 13.10 -10.76
CA TYR B 114 2.92 11.65 -10.69
C TYR B 114 3.49 11.05 -9.39
N ILE B 115 4.17 11.89 -8.62
CA ILE B 115 4.95 11.51 -7.46
C ILE B 115 4.70 12.54 -6.36
N HIS B 116 4.04 12.09 -5.29
CA HIS B 116 3.62 12.97 -4.21
C HIS B 116 3.30 12.10 -2.98
N PRO B 117 3.81 12.49 -1.80
CA PRO B 117 3.60 11.65 -0.62
C PRO B 117 2.19 11.68 -0.02
N VAL B 118 1.85 10.60 0.66
CA VAL B 118 0.55 10.49 1.29
C VAL B 118 0.71 10.93 2.76
N CYS B 119 -0.37 11.32 3.42
CA CYS B 119 -0.29 11.61 4.85
C CYS B 119 -0.36 10.35 5.72
N LEU B 120 0.37 10.38 6.82
CA LEU B 120 0.11 9.46 7.93
C LEU B 120 -0.92 10.02 8.92
N PRO B 121 -1.79 9.14 9.48
CA PRO B 121 -2.91 9.63 10.30
C PRO B 121 -2.47 10.07 11.71
N ASP B 122 -3.20 11.03 12.25
CA ASP B 122 -3.05 11.41 13.64
C ASP B 122 -4.13 10.68 14.43
N ARG B 123 -3.97 10.65 15.74
CA ARG B 123 -4.96 10.08 16.64
C ARG B 123 -6.39 10.35 16.22
N GLU B 124 -6.67 11.56 15.81
CA GLU B 124 -8.06 11.97 15.66
C GLU B 124 -8.63 11.70 14.28
N THR B 125 -7.79 11.67 13.25
CA THR B 125 -8.26 11.24 11.93
C THR B 125 -8.56 9.75 12.02
N ALA B 126 -7.65 9.03 12.68
CA ALA B 126 -7.79 7.60 12.94
C ALA B 126 -9.10 7.30 13.63
N ALA B 127 -9.38 8.01 14.72
CA ALA B 127 -10.57 7.73 15.52
C ALA B 127 -11.85 8.00 14.74
N SER B 128 -11.78 9.02 13.92
CA SER B 128 -12.91 9.50 13.19
C SER B 128 -13.23 8.64 11.96
N LEU B 129 -12.20 8.10 11.34
CA LEU B 129 -12.37 7.52 10.02
C LEU B 129 -12.35 6.00 10.07
N LEU B 130 -11.55 5.45 10.98
CA LEU B 130 -11.39 4.00 11.03
C LEU B 130 -12.60 3.37 11.71
N GLN B 131 -13.66 3.20 10.92
CA GLN B 131 -14.92 2.73 11.42
C GLN B 131 -15.61 1.79 10.41
N ALA B 132 -16.32 0.78 10.93
CA ALA B 132 -16.93 -0.25 10.10
C ALA B 132 -17.96 0.37 9.18
N GLY B 133 -17.91 -0.02 7.91
CA GLY B 133 -18.80 0.57 6.93
C GLY B 133 -18.17 1.69 6.11
N TYR B 134 -17.16 2.34 6.65
CA TYR B 134 -16.43 3.38 5.91
C TYR B 134 -15.50 2.71 4.90
N LYS B 135 -15.39 3.30 3.72
CA LYS B 135 -14.61 2.69 2.67
C LYS B 135 -13.27 3.33 2.53
N GLY B 136 -12.29 2.49 2.25
CA GLY B 136 -10.98 2.95 1.88
C GLY B 136 -10.64 2.43 0.49
N ARG B 137 -9.41 2.66 0.05
CA ARG B 137 -9.02 2.38 -1.32
C ARG B 137 -7.69 1.67 -1.30
N VAL B 138 -7.61 0.57 -2.06
CA VAL B 138 -6.37 -0.19 -2.14
C VAL B 138 -5.89 -0.14 -3.59
N THR B 139 -4.58 -0.12 -3.79
CA THR B 139 -4.04 -0.11 -5.13
C THR B 139 -2.83 -1.03 -5.28
N GLY B 140 -2.65 -1.58 -6.48
CA GLY B 140 -1.48 -2.39 -6.75
C GLY B 140 -1.48 -3.00 -8.14
N TRP B 141 -0.39 -3.66 -8.46
CA TRP B 141 -0.13 -4.27 -9.78
C TRP B 141 -0.19 -5.81 -9.67
N GLY B 142 -0.79 -6.29 -8.59
CA GLY B 142 -0.76 -7.72 -8.30
C GLY B 142 -1.79 -8.48 -9.09
N ASN B 143 -1.97 -9.74 -8.74
CA ASN B 143 -2.81 -10.62 -9.52
C ASN B 143 -4.25 -10.19 -9.52
N LEU B 144 -4.90 -10.42 -10.65
CA LEU B 144 -6.29 -10.07 -10.80
C LEU B 144 -7.15 -11.22 -10.34
N LYS B 145 -6.52 -12.33 -10.07
CA LYS B 145 -7.26 -13.58 -9.89
C LYS B 145 -6.45 -14.35 -8.91
N GLU B 146 -7.13 -15.11 -8.06
CA GLU B 146 -6.45 -16.04 -7.16
C GLU B 146 -5.65 -17.11 -7.92
N GLY B 155 -4.08 -12.42 -16.10
CA GLY B 155 -3.70 -12.77 -14.75
C GLY B 155 -3.03 -11.66 -13.95
N GLN B 156 -2.29 -10.79 -14.64
CA GLN B 156 -1.75 -9.59 -14.03
C GLN B 156 -2.07 -8.43 -14.93
N PRO B 157 -2.23 -7.23 -14.33
CA PRO B 157 -2.78 -6.09 -15.08
C PRO B 157 -1.66 -5.46 -15.91
N SER B 158 -2.02 -4.70 -16.94
CA SER B 158 -0.99 -3.91 -17.62
C SER B 158 -0.76 -2.62 -16.85
N VAL B 159 -1.78 -2.20 -16.14
CA VAL B 159 -1.81 -0.87 -15.57
C VAL B 159 -2.26 -0.94 -14.08
N LEU B 160 -1.82 0.01 -13.26
CA LEU B 160 -2.21 0.07 -11.85
C LEU B 160 -3.70 -0.13 -11.67
N GLN B 161 -4.08 -1.02 -10.74
CA GLN B 161 -5.49 -1.29 -10.47
C GLN B 161 -5.91 -0.58 -9.16
N VAL B 162 -7.21 -0.38 -9.01
CA VAL B 162 -7.70 0.30 -7.83
C VAL B 162 -9.01 -0.38 -7.42
N VAL B 163 -9.23 -0.56 -6.12
CA VAL B 163 -10.53 -1.02 -5.62
C VAL B 163 -10.88 -0.31 -4.29
N ASN B 164 -12.16 0.02 -4.09
CA ASN B 164 -12.65 0.64 -2.84
C ASN B 164 -13.40 -0.42 -2.02
N LEU B 165 -13.07 -0.51 -0.74
CA LEU B 165 -13.56 -1.62 0.12
C LEU B 165 -13.99 -1.06 1.46
N PRO B 166 -15.08 -1.60 2.05
CA PRO B 166 -15.52 -1.11 3.36
C PRO B 166 -14.74 -1.76 4.49
N ILE B 167 -14.45 -1.01 5.55
CA ILE B 167 -13.88 -1.55 6.79
C ILE B 167 -14.94 -2.49 7.39
N VAL B 168 -14.49 -3.60 7.97
CA VAL B 168 -15.42 -4.61 8.51
C VAL B 168 -15.30 -4.69 10.04
N GLU B 169 -16.44 -4.84 10.71
CA GLU B 169 -16.52 -4.99 12.17
C GLU B 169 -15.52 -6.02 12.63
N ARG B 170 -14.87 -5.72 13.74
CA ARG B 170 -13.80 -6.54 14.28
C ARG B 170 -14.17 -8.00 14.59
N PRO B 171 -15.37 -8.25 15.16
CA PRO B 171 -15.85 -9.60 15.43
C PRO B 171 -16.03 -10.43 14.16
N VAL B 172 -16.66 -9.85 13.14
CA VAL B 172 -16.77 -10.46 11.82
C VAL B 172 -15.42 -10.85 11.21
N CYS B 173 -14.41 -10.00 11.40
CA CYS B 173 -13.05 -10.32 10.98
C CYS B 173 -12.57 -11.56 11.72
N LYS B 174 -12.72 -11.57 13.05
CA LYS B 174 -12.24 -12.67 13.88
C LYS B 174 -12.92 -14.01 13.56
N ASP B 175 -14.23 -13.97 13.33
CA ASP B 175 -15.01 -15.18 13.04
C ASP B 175 -14.84 -15.74 11.63
N SER B 176 -14.06 -15.05 10.80
CA SER B 176 -13.88 -15.44 9.42
C SER B 176 -12.62 -16.27 9.29
N THR B 177 -11.83 -16.38 10.36
CA THR B 177 -10.53 -17.01 10.23
C THR B 177 -10.12 -17.78 11.47
N ARG B 178 -9.24 -18.75 11.29
CA ARG B 178 -8.61 -19.45 12.42
C ARG B 178 -7.46 -18.64 12.97
N ILE B 179 -6.96 -17.70 12.15
CA ILE B 179 -5.74 -16.95 12.50
C ILE B 179 -6.05 -16.05 13.71
N ARG B 180 -5.13 -15.93 14.64
CA ARG B 180 -5.31 -14.98 15.73
C ARG B 180 -5.09 -13.50 15.29
N ILE B 181 -6.19 -12.75 15.30
CA ILE B 181 -6.22 -11.32 14.94
C ILE B 181 -5.78 -10.45 16.12
N THR B 182 -4.89 -9.47 15.90
CA THR B 182 -4.41 -8.60 16.97
C THR B 182 -4.92 -7.18 16.79
N ASP B 183 -4.61 -6.30 17.72
CA ASP B 183 -5.07 -4.92 17.67
C ASP B 183 -4.34 -4.13 16.61
N ASN B 184 -3.23 -4.68 16.14
CA ASN B 184 -2.45 -4.07 15.07
C ASN B 184 -2.90 -4.45 13.63
N MET B 185 -4.12 -4.92 13.49
CA MET B 185 -4.66 -5.31 12.18
C MET B 185 -6.06 -4.80 12.13
N PHE B 186 -6.58 -4.57 10.94
CA PHE B 186 -8.01 -4.51 10.75
C PHE B 186 -8.29 -5.24 9.45
N CYS B 187 -9.55 -5.57 9.18
CA CYS B 187 -9.90 -6.25 7.94
C CYS B 187 -10.91 -5.45 7.11
N ALA B 188 -10.85 -5.63 5.80
CA ALA B 188 -11.74 -4.90 4.92
C ALA B 188 -12.20 -5.78 3.77
N GLY B 189 -13.40 -5.53 3.29
CA GLY B 189 -13.97 -6.34 2.25
C GLY B 189 -15.47 -6.35 2.36
N TYR B 190 -16.11 -6.70 1.26
CA TYR B 190 -17.55 -6.87 1.22
C TYR B 190 -17.95 -8.26 1.78
N LYS B 191 -19.07 -8.29 2.48
CA LYS B 191 -19.67 -9.54 2.97
C LYS B 191 -20.27 -10.26 1.76
N PRO B 192 -20.43 -11.60 1.86
CA PRO B 192 -21.01 -12.40 0.79
C PRO B 192 -22.35 -11.89 0.23
N ASP B 193 -23.19 -11.34 1.10
CA ASP B 193 -24.53 -10.92 0.68
C ASP B 193 -24.62 -9.52 0.11
N GLU B 194 -23.57 -8.73 0.33
CA GLU B 194 -23.57 -7.32 -0.04
C GLU B 194 -23.58 -7.15 -1.55
N GLY B 195 -23.10 -8.18 -2.24
CA GLY B 195 -23.18 -8.20 -3.69
C GLY B 195 -22.24 -7.23 -4.39
N LYS B 196 -21.15 -6.84 -3.75
CA LYS B 196 -20.03 -6.25 -4.46
C LYS B 196 -18.83 -7.06 -4.00
N ARG B 197 -17.79 -7.14 -4.83
CA ARG B 197 -16.62 -7.95 -4.52
C ARG B 197 -15.39 -7.05 -4.51
N GLY B 198 -14.23 -7.67 -4.36
CA GLY B 198 -12.97 -6.95 -4.46
C GLY B 198 -12.05 -7.38 -3.35
N ASP B 199 -10.77 -7.43 -3.64
CA ASP B 199 -9.79 -7.77 -2.64
C ASP B 199 -8.43 -7.45 -3.26
N ALA B 200 -7.43 -7.29 -2.40
CA ALA B 200 -6.05 -7.35 -2.81
C ALA B 200 -5.73 -8.80 -3.16
N CYS B 201 -4.48 -9.05 -3.51
CA CYS B 201 -4.09 -10.39 -3.88
C CYS B 201 -2.59 -10.42 -3.89
N GLU B 202 -2.05 -11.53 -4.39
CA GLU B 202 -0.61 -11.72 -4.45
C GLU B 202 0.00 -10.60 -5.27
N GLY B 203 1.14 -10.06 -4.82
CA GLY B 203 1.77 -8.95 -5.51
C GLY B 203 1.35 -7.57 -5.00
N ASP B 204 0.17 -7.48 -4.40
CA ASP B 204 -0.33 -6.23 -3.82
C ASP B 204 0.25 -5.90 -2.44
N SER B 205 0.78 -6.90 -1.73
CA SER B 205 1.37 -6.71 -0.38
C SER B 205 2.20 -5.44 -0.26
N GLY B 206 2.11 -4.77 0.90
CA GLY B 206 2.92 -3.61 1.15
C GLY B 206 2.31 -2.31 0.63
N GLY B 207 1.29 -2.42 -0.20
CA GLY B 207 0.65 -1.25 -0.73
C GLY B 207 -0.26 -0.54 0.25
N PRO B 208 -0.72 0.68 -0.12
CA PRO B 208 -1.48 1.55 0.77
C PRO B 208 -2.98 1.25 0.81
N PHE B 209 -3.57 1.24 2.00
CA PHE B 209 -5.02 1.36 2.14
C PHE B 209 -5.23 2.81 2.62
N VAL B 210 -5.87 3.64 1.81
CA VAL B 210 -5.91 5.08 2.11
C VAL B 210 -7.35 5.52 2.21
N MET B 211 -7.59 6.60 2.93
CA MET B 211 -8.93 7.16 2.99
C MET B 211 -8.83 8.66 2.77
N LYS B 212 -9.87 9.25 2.22
CA LYS B 212 -9.87 10.69 2.06
C LYS B 212 -10.59 11.35 3.23
N SER B 213 -9.89 12.20 3.95
CA SER B 213 -10.52 12.98 5.02
C SER B 213 -11.64 13.88 4.51
N PRO B 214 -12.83 13.80 5.13
CA PRO B 214 -13.84 14.75 4.72
C PRO B 214 -13.66 16.14 5.39
N PHE B 215 -12.61 16.31 6.18
CA PHE B 215 -12.41 17.52 6.98
C PHE B 215 -11.41 18.45 6.32
N ASN B 216 -10.32 17.88 5.81
CA ASN B 216 -9.34 18.73 5.16
C ASN B 216 -9.03 18.31 3.71
N ASN B 217 -9.77 17.32 3.20
CA ASN B 217 -9.64 16.78 1.84
C ASN B 217 -8.28 16.18 1.50
N ARG B 218 -7.57 15.73 2.51
CA ARG B 218 -6.32 15.06 2.29
C ARG B 218 -6.50 13.54 2.29
N TRP B 219 -5.57 12.83 1.66
CA TRP B 219 -5.56 11.38 1.67
C TRP B 219 -4.63 10.92 2.76
N TYR B 220 -5.11 9.99 3.60
CA TYR B 220 -4.33 9.46 4.71
C TYR B 220 -4.12 7.96 4.50
N GLN B 221 -2.94 7.44 4.80
CA GLN B 221 -2.77 6.01 4.75
C GLN B 221 -3.16 5.37 6.10
N MET B 222 -4.25 4.61 6.13
CA MET B 222 -4.69 3.94 7.34
C MET B 222 -4.16 2.52 7.46
N GLY B 223 -3.95 1.85 6.34
CA GLY B 223 -3.49 0.47 6.34
C GLY B 223 -2.41 0.12 5.32
N ILE B 224 -1.67 -0.97 5.58
CA ILE B 224 -0.75 -1.59 4.63
C ILE B 224 -1.31 -2.96 4.27
N VAL B 225 -1.46 -3.27 2.98
CA VAL B 225 -1.90 -4.59 2.53
C VAL B 225 -1.04 -5.69 3.14
N SER B 226 -1.66 -6.55 3.95
CA SER B 226 -0.89 -7.52 4.73
C SER B 226 -1.07 -8.95 4.30
N TRP B 227 -2.27 -9.50 4.52
CA TRP B 227 -2.52 -10.92 4.29
C TRP B 227 -3.98 -11.23 4.15
N GLY B 228 -4.24 -12.38 3.52
CA GLY B 228 -5.59 -12.88 3.37
C GLY B 228 -5.47 -14.36 3.11
N GLU B 229 -6.61 -15.01 2.91
CA GLU B 229 -6.62 -16.43 2.63
C GLU B 229 -7.25 -16.64 1.26
N GLY B 230 -6.40 -16.88 0.28
CA GLY B 230 -6.83 -16.76 -1.09
C GLY B 230 -6.99 -15.28 -1.43
N CYS B 231 -7.85 -14.98 -2.41
CA CYS B 231 -8.12 -13.61 -2.85
C CYS B 231 -9.59 -13.58 -3.22
N ASP B 232 -10.32 -12.64 -2.65
CA ASP B 232 -11.72 -12.45 -3.00
C ASP B 232 -12.62 -13.70 -2.80
N ARG B 233 -12.36 -14.48 -1.75
CA ARG B 233 -13.25 -15.60 -1.41
C ARG B 233 -14.43 -15.06 -0.64
N ASP B 234 -15.63 -15.59 -0.88
CA ASP B 234 -16.77 -15.18 -0.06
C ASP B 234 -16.58 -15.57 1.37
N GLY B 235 -16.87 -14.64 2.27
CA GLY B 235 -16.73 -14.90 3.69
C GLY B 235 -15.31 -14.81 4.18
N LYS B 236 -14.38 -14.43 3.32
CA LYS B 236 -13.03 -14.12 3.76
C LYS B 236 -12.81 -12.62 3.57
N TYR B 237 -11.76 -12.09 4.18
CA TYR B 237 -11.50 -10.65 4.18
C TYR B 237 -10.01 -10.41 4.05
N GLY B 238 -9.66 -9.22 3.54
CA GLY B 238 -8.26 -8.82 3.55
C GLY B 238 -7.89 -8.18 4.87
N PHE B 239 -6.67 -8.41 5.32
CA PHE B 239 -6.20 -7.88 6.58
C PHE B 239 -5.08 -6.92 6.28
N TYR B 240 -4.96 -5.89 7.11
CA TYR B 240 -4.05 -4.78 6.87
C TYR B 240 -3.35 -4.41 8.16
N THR B 241 -2.07 -4.06 8.08
CA THR B 241 -1.40 -3.43 9.21
C THR B 241 -2.01 -2.08 9.59
N HIS B 242 -2.29 -1.92 10.87
CA HIS B 242 -2.95 -0.72 11.42
C HIS B 242 -1.89 0.37 11.61
N VAL B 243 -1.78 1.28 10.65
CA VAL B 243 -0.62 2.18 10.60
C VAL B 243 -0.63 3.07 11.83
N PHE B 244 -1.80 3.58 12.21
CA PHE B 244 -1.82 4.45 13.35
C PHE B 244 -1.27 3.81 14.65
N ARG B 245 -1.58 2.54 14.90
CA ARG B 245 -1.15 1.86 16.14
C ARG B 245 0.33 1.70 16.12
N LEU B 246 0.94 1.75 14.94
CA LEU B 246 2.39 1.59 14.85
C LEU B 246 3.13 2.90 14.52
N LYS B 247 2.44 4.02 14.68
CA LYS B 247 2.97 5.32 14.29
C LYS B 247 4.13 5.74 15.15
N LYS B 248 4.09 5.36 16.42
CA LYS B 248 5.16 5.69 17.34
C LYS B 248 6.50 5.08 16.90
N TRP B 249 6.45 3.89 16.32
CA TRP B 249 7.67 3.26 15.87
C TRP B 249 8.13 3.96 14.58
N ILE B 250 7.16 4.45 13.81
CA ILE B 250 7.46 5.20 12.60
C ILE B 250 8.14 6.52 12.96
N GLN B 251 7.59 7.26 13.91
CA GLN B 251 8.20 8.51 14.35
C GLN B 251 9.61 8.30 14.87
N LYS B 252 9.75 7.34 15.76
CA LYS B 252 11.02 6.94 16.33
C LYS B 252 12.07 6.69 15.25
N VAL B 253 11.82 5.71 14.39
CA VAL B 253 12.77 5.35 13.36
C VAL B 253 13.16 6.56 12.52
N ILE B 254 12.17 7.36 12.16
CA ILE B 254 12.37 8.41 11.19
C ILE B 254 13.27 9.46 11.79
N ASP B 255 12.98 9.90 13.00
CA ASP B 255 13.79 10.96 13.57
C ASP B 255 14.86 10.47 14.53
N GLN B 256 15.23 9.20 14.43
CA GLN B 256 16.49 8.75 15.00
C GLN B 256 17.50 8.58 13.88
N PHE B 257 16.99 8.21 12.70
CA PHE B 257 17.86 7.94 11.56
C PHE B 257 17.59 8.92 10.41
N ASP C 1 8.84 -10.23 -19.66
CA ASP C 1 7.63 -9.46 -19.30
C ASP C 1 8.01 -8.02 -18.98
N PHE C 2 8.94 -7.83 -18.06
CA PHE C 2 9.38 -6.51 -17.66
C PHE C 2 10.32 -5.92 -18.71
N GLU C 3 10.00 -4.71 -19.15
CA GLU C 3 10.89 -3.96 -20.01
C GLU C 3 12.14 -3.57 -19.23
N GLU C 4 13.29 -3.77 -19.86
CA GLU C 4 14.56 -3.51 -19.21
C GLU C 4 14.66 -2.04 -18.84
N ILE C 5 15.29 -1.81 -17.71
CA ILE C 5 15.44 -0.47 -17.19
C ILE C 5 16.90 -0.10 -17.41
N PRO C 6 17.24 1.20 -17.31
CA PRO C 6 18.62 1.66 -17.36
C PRO C 6 19.56 0.90 -16.43
N GLU C 7 20.67 0.41 -16.99
CA GLU C 7 21.69 -0.31 -16.24
C GLU C 7 22.34 0.61 -15.20
N GLU C 8 22.21 1.92 -15.39
CA GLU C 8 22.69 2.86 -14.38
C GLU C 8 22.18 2.42 -13.01
N TYS C 9 20.94 1.99 -12.98
CA TYS C 9 20.26 1.61 -11.76
CB TYS C 9 18.76 1.67 -11.97
CG TYS C 9 18.29 3.01 -12.45
CD1 TYS C 9 18.59 4.16 -11.72
CD2 TYS C 9 17.56 3.14 -13.62
CE1 TYS C 9 18.18 5.41 -12.17
CE2 TYS C 9 17.13 4.37 -14.07
CZ TYS C 9 17.44 5.50 -13.33
OH TYS C 9 17.01 6.73 -13.77
S TYS C 9 15.53 7.17 -13.45
O1 TYS C 9 14.51 6.04 -13.94
O2 TYS C 9 15.38 7.42 -11.88
O3 TYS C 9 15.16 8.61 -14.29
C TYS C 9 20.67 0.22 -11.26
O TYS C 9 20.81 0.01 -10.06
H2 TYS C 9 20.44 1.90 -13.83
HO3 TYS C 9 14.26 8.90 -14.12
N LEU C 10 20.82 -0.71 -12.20
CA LEU C 10 21.17 -2.08 -11.84
C LEU C 10 22.65 -2.20 -11.41
N GLN C 11 23.30 -1.04 -11.29
CA GLN C 11 24.66 -0.96 -10.76
C GLN C 11 24.62 -1.07 -9.23
N1 14A D . -6.51 -11.65 -0.26
C2 14A D . -5.58 -10.86 0.27
N3 14A D . -5.89 -9.65 0.71
N4 14A D . -4.33 -11.25 0.27
O5 14A D . -3.36 -10.61 0.94
C6 14A D . -2.34 -10.01 0.11
C7 14A D . -1.32 -11.07 -0.36
C8 14A D . -0.44 -11.58 0.76
O9 14A D . -1.14 -12.66 1.37
C10 14A D . -0.37 -13.46 2.21
C11 14A D . 0.97 -13.16 2.51
C12 14A D . 1.68 -14.03 3.38
C13 14A D . 1.08 -15.12 3.91
C14 14A D . -0.22 -15.40 3.63
C15 14A D . -0.97 -14.60 2.79
CL16 14A D . 3.30 -13.71 3.78
C17 14A D . -0.83 -16.61 4.23
O18 14A D . -1.41 -17.34 3.42
N19 14A D . -0.86 -16.92 5.54
C20 14A D . -1.69 -18.07 6.02
C21 14A D . -3.17 -18.16 5.58
C22 14A D . -4.15 -18.64 6.31
C23 14A D . -0.61 -15.73 6.39
C24 14A D . 0.46 -16.20 7.38
C25 14A D . 0.12 -15.77 8.76
C26 14A D . -1.37 -15.46 8.74
C27 14A D . -1.83 -15.63 7.31
#